data_4OJD
#
_entry.id   4OJD
#
_cell.length_a   132.443
_cell.length_b   132.443
_cell.length_c   132.443
_cell.angle_alpha   90.00
_cell.angle_beta   90.00
_cell.angle_gamma   90.00
#
_symmetry.space_group_name_H-M   'P 21 3'
#
loop_
_entity.id
_entity.type
_entity.pdbx_description
1 polymer EFF-1A
2 branched beta-D-mannopyranose-(1-4)-2-acetamido-2-deoxy-beta-D-glucopyranose-(1-4)-2-acetamido-2-deoxy-beta-D-glucopyranose
3 non-polymer 2-acetamido-2-deoxy-beta-D-glucopyranose
4 water water
#
_entity_poly.entity_id   1
_entity_poly.type   'polypeptide(L)'
_entity_poly.pdbx_seq_one_letter_code
;RSFPLEEKFDGLFRAEPPHCSKTPIVRAQTSQNAMSSIARGMQMQFSIGLHTAVCFRLYEDTQLASQEINDDENAGNQTS
LLHTIRLEKLEHHHPITQRYTFGIPEVHASCICECDATSSTCTAESHQFTACPESDKSDETSSCYRTFFPNQTPIGCSED
DIPKLCCDVRFKPYKNMTFLAVKLEQPTTYATFVYAAYDFVNGYWVEKDKTKIRSQLDGGTQDRHLDQKRRISLAVTAGA
RASHQLETGMYFSRTSNGGETEELRMQPLNEITDNNFDRLGWYRMDDSGHFHVNNGVVKMEEIHKAKVKNCKEQTYKSIL
SANHYMPGHFNLTRPLEVIKPWIQSARIFDSSLRQAVVTHAEGTNLQISIHLDDEVESQNLVFFHNASRIRDFSGSIIVD
SKSNRLFNLTVYEASGKIDGSVKMSTGFGSDTIHTFTAYVSDLHASNRSMIIPLPAIVGQGARAICLRADSMADIDKICH
VIEYFESPLFEDDDDKAGWSHPQFEKGGGSGGGSGGGSWSHPQFEK
;
_entity_poly.pdbx_strand_id   H
#
# COMPACT_ATOMS: atom_id res chain seq x y z
N ARG A 14 -14.90 -30.44 5.21
CA ARG A 14 -13.77 -29.63 4.77
C ARG A 14 -14.25 -28.44 3.92
N ALA A 15 -14.45 -28.64 2.59
CA ALA A 15 -14.94 -27.62 1.67
C ALA A 15 -16.42 -27.39 2.00
N GLU A 16 -16.71 -26.23 2.58
CA GLU A 16 -18.04 -25.86 3.06
C GLU A 16 -18.49 -24.52 2.52
N PRO A 17 -19.82 -24.29 2.40
CA PRO A 17 -20.28 -22.96 1.99
C PRO A 17 -19.79 -21.87 2.93
N PRO A 18 -19.59 -20.65 2.40
CA PRO A 18 -19.22 -19.54 3.28
C PRO A 18 -20.48 -19.11 4.07
N HIS A 19 -20.32 -18.16 5.03
CA HIS A 19 -21.46 -17.58 5.73
C HIS A 19 -22.32 -16.91 4.62
N CYS A 20 -23.62 -17.25 4.57
CA CYS A 20 -24.58 -16.69 3.62
C CYS A 20 -25.14 -15.44 4.28
N SER A 21 -24.82 -14.26 3.70
CA SER A 21 -25.16 -12.93 4.24
C SER A 21 -26.62 -12.62 4.11
N LYS A 22 -27.18 -11.97 5.16
CA LYS A 22 -28.54 -11.46 5.18
C LYS A 22 -28.60 -10.33 4.13
N THR A 23 -29.40 -10.56 3.08
CA THR A 23 -29.43 -9.65 1.93
C THR A 23 -30.85 -9.23 1.51
N PRO A 24 -31.15 -7.90 1.40
CA PRO A 24 -32.45 -7.49 0.82
C PRO A 24 -32.40 -7.74 -0.70
N ILE A 25 -33.45 -8.38 -1.26
CA ILE A 25 -33.49 -8.69 -2.68
C ILE A 25 -34.56 -7.86 -3.37
N VAL A 26 -34.20 -7.25 -4.51
CA VAL A 26 -35.09 -6.44 -5.33
C VAL A 26 -35.38 -7.24 -6.61
N ARG A 27 -36.67 -7.45 -6.91
CA ARG A 27 -37.08 -8.18 -8.13
C ARG A 27 -37.27 -7.13 -9.23
N ALA A 28 -36.45 -7.18 -10.28
CA ALA A 28 -36.56 -6.24 -11.37
C ALA A 28 -37.15 -6.92 -12.59
N GLN A 29 -37.98 -6.23 -13.36
CA GLN A 29 -38.54 -6.81 -14.56
C GLN A 29 -37.78 -6.35 -15.77
N THR A 30 -37.32 -7.29 -16.57
CA THR A 30 -36.59 -7.03 -17.79
C THR A 30 -37.51 -6.40 -18.83
N SER A 31 -36.98 -5.45 -19.60
CA SER A 31 -37.66 -4.83 -20.72
C SER A 31 -38.12 -5.95 -21.70
N GLN A 32 -39.15 -5.67 -22.49
CA GLN A 32 -39.76 -6.61 -23.40
C GLN A 32 -39.03 -6.67 -24.73
N ASN A 33 -38.91 -7.87 -25.31
CA ASN A 33 -38.34 -8.03 -26.64
C ASN A 33 -39.55 -8.25 -27.55
N ALA A 34 -39.68 -7.40 -28.59
CA ALA A 34 -40.74 -7.41 -29.62
C ALA A 34 -41.15 -8.82 -30.13
N MET A 35 -40.22 -9.80 -30.07
CA MET A 35 -40.42 -11.19 -30.48
C MET A 35 -40.79 -12.07 -29.26
N GLY A 41 -39.49 -12.12 -17.92
CA GLY A 41 -38.07 -12.18 -17.53
C GLY A 41 -37.78 -11.35 -16.28
N MET A 42 -37.58 -12.03 -15.16
CA MET A 42 -37.30 -11.41 -13.87
C MET A 42 -35.84 -11.51 -13.48
N GLN A 43 -35.30 -10.44 -12.88
CA GLN A 43 -33.90 -10.39 -12.39
C GLN A 43 -33.88 -10.15 -10.88
N MET A 44 -32.94 -10.80 -10.17
CA MET A 44 -32.79 -10.69 -8.73
C MET A 44 -31.58 -9.80 -8.44
N GLN A 45 -31.90 -8.59 -7.95
CA GLN A 45 -30.94 -7.55 -7.71
C GLN A 45 -30.58 -7.36 -6.27
N PHE A 46 -29.28 -7.18 -6.02
CA PHE A 46 -28.80 -6.99 -4.67
C PHE A 46 -27.44 -6.32 -4.66
N SER A 47 -27.09 -5.78 -3.50
CA SER A 47 -25.82 -5.17 -3.17
C SER A 47 -24.94 -6.27 -2.45
N ILE A 48 -23.65 -6.41 -2.81
CA ILE A 48 -22.76 -7.41 -2.19
C ILE A 48 -21.54 -6.70 -1.60
N GLY A 49 -21.22 -7.01 -0.35
CA GLY A 49 -20.09 -6.40 0.34
C GLY A 49 -18.78 -7.12 0.07
N LEU A 50 -17.67 -6.35 -0.02
CA LEU A 50 -16.34 -6.93 -0.19
C LEU A 50 -16.07 -7.95 0.93
N HIS A 51 -15.52 -9.16 0.58
CA HIS A 51 -15.22 -10.24 1.52
C HIS A 51 -16.46 -10.99 2.03
N THR A 52 -17.65 -10.75 1.44
CA THR A 52 -18.86 -11.44 1.91
C THR A 52 -19.40 -12.27 0.77
N ALA A 53 -20.34 -13.16 1.10
CA ALA A 53 -21.00 -14.07 0.17
C ALA A 53 -22.51 -13.99 0.28
N VAL A 54 -23.18 -14.30 -0.82
CA VAL A 54 -24.64 -14.31 -0.96
C VAL A 54 -24.97 -15.71 -1.49
N CYS A 55 -26.05 -16.32 -0.96
CA CYS A 55 -26.48 -17.68 -1.30
C CYS A 55 -27.91 -17.76 -1.79
N PHE A 56 -28.13 -18.66 -2.75
CA PHE A 56 -29.47 -18.89 -3.32
C PHE A 56 -29.66 -20.29 -3.83
N ARG A 57 -30.92 -20.71 -3.94
CA ARG A 57 -31.33 -21.96 -4.54
C ARG A 57 -32.27 -21.63 -5.68
N LEU A 58 -32.20 -22.46 -6.74
CA LEU A 58 -33.01 -22.30 -7.93
C LEU A 58 -34.03 -23.42 -7.91
N TYR A 59 -35.33 -23.06 -7.84
CA TYR A 59 -36.43 -24.04 -7.79
C TYR A 59 -37.16 -24.11 -9.12
N SER A 80 -31.28 -30.22 -5.84
CA SER A 80 -31.11 -28.77 -5.64
C SER A 80 -29.71 -28.44 -5.12
N LEU A 81 -29.04 -27.50 -5.77
CA LEU A 81 -27.71 -27.05 -5.38
C LEU A 81 -27.77 -25.68 -4.72
N LEU A 82 -26.93 -25.48 -3.69
CA LEU A 82 -26.80 -24.19 -2.98
C LEU A 82 -25.73 -23.39 -3.72
N HIS A 83 -26.16 -22.35 -4.43
CA HIS A 83 -25.30 -21.46 -5.22
C HIS A 83 -24.76 -20.33 -4.35
N THR A 84 -23.42 -20.14 -4.34
CA THR A 84 -22.82 -19.12 -3.47
C THR A 84 -21.92 -18.23 -4.30
N ILE A 85 -22.00 -16.93 -4.07
CA ILE A 85 -21.17 -15.95 -4.75
C ILE A 85 -20.46 -15.15 -3.70
N ARG A 86 -19.14 -15.16 -3.71
CA ARG A 86 -18.33 -14.42 -2.74
C ARG A 86 -17.51 -13.35 -3.44
N LEU A 87 -17.61 -12.10 -2.98
CA LEU A 87 -16.77 -11.04 -3.52
C LEU A 87 -15.42 -11.19 -2.79
N GLU A 88 -14.46 -11.86 -3.45
CA GLU A 88 -13.17 -12.17 -2.85
C GLU A 88 -12.15 -11.03 -2.85
N LYS A 89 -12.09 -10.27 -3.98
CA LYS A 89 -11.08 -9.23 -4.16
C LYS A 89 -11.55 -8.03 -4.88
N LEU A 90 -10.89 -6.89 -4.56
CA LEU A 90 -11.00 -5.59 -5.18
C LEU A 90 -9.55 -5.17 -5.45
N GLU A 91 -9.22 -4.99 -6.72
CA GLU A 91 -7.88 -4.64 -7.15
C GLU A 91 -7.88 -3.49 -8.13
N HIS A 92 -6.87 -2.62 -8.00
CA HIS A 92 -6.54 -1.58 -8.95
C HIS A 92 -5.30 -2.05 -9.74
N HIS A 93 -5.34 -2.01 -11.07
CA HIS A 93 -4.19 -2.42 -11.90
C HIS A 93 -3.65 -1.10 -12.47
N HIS A 94 -2.54 -0.63 -11.87
CA HIS A 94 -1.92 0.63 -12.28
C HIS A 94 -0.88 0.37 -13.37
N PRO A 95 -0.96 1.09 -14.51
CA PRO A 95 0.11 0.94 -15.53
C PRO A 95 1.39 1.60 -15.02
N ILE A 96 2.57 0.97 -15.28
CA ILE A 96 3.88 1.51 -14.90
C ILE A 96 4.42 2.27 -16.10
N THR A 97 4.57 3.58 -15.99
CA THR A 97 4.96 4.43 -17.12
C THR A 97 6.44 4.81 -17.13
N GLN A 98 7.14 4.57 -16.01
CA GLN A 98 8.58 4.84 -15.88
C GLN A 98 9.15 3.83 -14.94
N ARG A 99 10.40 3.43 -15.19
CA ARG A 99 11.16 2.56 -14.31
C ARG A 99 12.61 2.99 -14.37
N TYR A 100 13.28 2.91 -13.23
CA TYR A 100 14.71 3.08 -13.10
C TYR A 100 15.14 2.45 -11.79
N THR A 101 16.39 2.02 -11.75
CA THR A 101 16.98 1.36 -10.60
C THR A 101 17.84 2.38 -9.86
N PHE A 102 17.68 2.39 -8.55
CA PHE A 102 18.44 3.30 -7.72
C PHE A 102 19.04 2.62 -6.48
N GLY A 103 19.95 3.33 -5.82
CA GLY A 103 20.59 2.86 -4.60
C GLY A 103 20.67 3.97 -3.58
N ILE A 104 21.27 3.66 -2.43
CA ILE A 104 21.53 4.63 -1.38
C ILE A 104 23.04 4.70 -1.31
N PRO A 105 23.61 5.87 -1.64
CA PRO A 105 25.07 5.96 -1.61
C PRO A 105 25.63 6.15 -0.22
N GLU A 106 26.79 5.55 -0.01
CA GLU A 106 27.65 5.74 1.15
C GLU A 106 28.66 6.76 0.61
N VAL A 107 28.83 7.90 1.29
CA VAL A 107 29.65 9.00 0.80
C VAL A 107 30.88 9.30 1.65
N HIS A 108 31.99 9.61 0.99
CA HIS A 108 33.23 10.04 1.62
C HIS A 108 33.88 11.09 0.73
N ALA A 109 34.24 12.22 1.33
CA ALA A 109 34.96 13.30 0.66
C ALA A 109 36.39 13.38 1.20
N SER A 110 37.36 13.37 0.29
CA SER A 110 38.78 13.47 0.59
C SER A 110 39.26 14.77 -0.04
N CYS A 111 39.72 15.73 0.80
CA CYS A 111 40.18 17.04 0.33
C CYS A 111 41.66 17.33 0.59
N ILE A 112 42.30 18.10 -0.31
CA ILE A 112 43.67 18.59 -0.18
C ILE A 112 43.69 20.11 -0.33
N CYS A 113 44.52 20.78 0.48
CA CYS A 113 44.67 22.22 0.43
C CYS A 113 46.04 22.63 -0.12
N GLU A 114 46.04 23.72 -0.87
CA GLU A 114 47.24 24.32 -1.43
C GLU A 114 47.22 25.82 -1.08
N CYS A 115 48.29 26.29 -0.39
CA CYS A 115 48.48 27.68 0.08
C CYS A 115 48.61 28.68 -1.08
N ASP A 116 49.39 28.32 -2.09
CA ASP A 116 49.67 29.20 -3.22
C ASP A 116 48.62 29.04 -4.33
N ALA A 117 47.79 30.08 -4.56
CA ALA A 117 46.70 30.12 -5.56
C ALA A 117 47.13 29.77 -7.00
N THR A 118 48.41 30.09 -7.36
CA THR A 118 49.00 29.86 -8.69
C THR A 118 49.71 28.49 -8.82
N SER A 119 49.64 27.66 -7.78
CA SER A 119 50.27 26.33 -7.80
C SER A 119 49.58 25.41 -8.83
N SER A 120 50.37 24.52 -9.48
CA SER A 120 49.85 23.56 -10.46
C SER A 120 48.98 22.48 -9.74
N THR A 121 49.22 22.28 -8.43
CA THR A 121 48.41 21.37 -7.60
C THR A 121 47.09 22.09 -7.25
N CYS A 122 45.96 21.44 -7.51
CA CYS A 122 44.58 21.89 -7.24
C CYS A 122 44.13 22.99 -8.18
N THR A 123 43.47 22.63 -9.27
CA THR A 123 43.05 23.60 -10.27
C THR A 123 41.62 23.38 -10.70
N ALA A 124 41.04 24.36 -11.40
CA ALA A 124 39.69 24.24 -11.99
C ALA A 124 39.76 23.17 -13.09
N GLU A 125 40.91 23.09 -13.80
CA GLU A 125 41.16 22.10 -14.86
C GLU A 125 40.94 20.68 -14.35
N SER A 126 41.62 20.34 -13.23
CA SER A 126 41.61 19.00 -12.67
C SER A 126 40.45 18.71 -11.73
N HIS A 127 39.84 19.74 -11.11
CA HIS A 127 38.82 19.53 -10.09
C HIS A 127 37.44 20.18 -10.27
N GLN A 128 37.22 20.98 -11.32
CA GLN A 128 35.93 21.65 -11.56
C GLN A 128 35.23 20.95 -12.70
N PHE A 129 34.01 20.41 -12.46
CA PHE A 129 33.23 19.69 -13.47
C PHE A 129 34.01 18.54 -14.13
N THR A 130 34.55 17.64 -13.32
CA THR A 130 35.27 16.45 -13.80
C THR A 130 35.14 15.28 -12.81
N ALA A 131 35.22 14.06 -13.33
CA ALA A 131 35.22 12.84 -12.52
C ALA A 131 36.63 12.67 -11.97
N CYS A 132 36.81 11.82 -10.94
CA CYS A 132 38.12 11.50 -10.39
C CYS A 132 38.83 10.64 -11.43
N PRO A 133 40.18 10.70 -11.55
CA PRO A 133 40.85 9.81 -12.52
C PRO A 133 40.77 8.33 -12.06
N GLU A 134 40.72 7.40 -13.03
CA GLU A 134 40.62 5.95 -12.80
C GLU A 134 42.02 5.31 -12.72
N ASP A 139 37.86 0.90 -5.79
CA ASP A 139 36.64 0.10 -5.77
C ASP A 139 35.94 0.21 -7.12
N GLU A 140 35.72 -0.94 -7.80
CA GLU A 140 35.03 -1.04 -9.10
C GLU A 140 33.60 -0.47 -9.04
N THR A 141 32.93 -0.65 -7.89
CA THR A 141 31.54 -0.20 -7.63
C THR A 141 31.45 1.33 -7.34
N SER A 142 32.58 1.99 -6.98
CA SER A 142 32.64 3.42 -6.64
C SER A 142 32.45 4.33 -7.86
N SER A 143 31.96 5.55 -7.60
CA SER A 143 31.79 6.64 -8.53
C SER A 143 32.38 7.82 -7.77
N CYS A 144 33.20 8.61 -8.45
CA CYS A 144 33.95 9.66 -7.81
C CYS A 144 33.91 10.93 -8.65
N TYR A 145 33.50 12.04 -8.00
CA TYR A 145 33.32 13.35 -8.60
C TYR A 145 34.15 14.36 -7.87
N ARG A 146 34.75 15.30 -8.60
CA ARG A 146 35.62 16.31 -8.04
C ARG A 146 34.98 17.67 -7.87
N THR A 147 35.42 18.40 -6.81
CA THR A 147 35.02 19.79 -6.51
C THR A 147 36.25 20.64 -6.25
N PHE A 148 36.11 21.93 -6.56
CA PHE A 148 37.14 22.95 -6.48
C PHE A 148 36.66 24.17 -5.64
N PHE A 149 37.45 24.54 -4.62
CA PHE A 149 37.08 25.66 -3.76
C PHE A 149 38.24 26.66 -3.64
N PRO A 150 38.33 27.64 -4.59
CA PRO A 150 39.37 28.68 -4.45
C PRO A 150 38.91 29.74 -3.44
N ASN A 151 39.70 30.80 -3.28
CA ASN A 151 39.34 31.93 -2.41
C ASN A 151 39.24 31.55 -0.93
N GLN A 152 40.05 30.57 -0.50
CA GLN A 152 40.10 30.14 0.91
C GLN A 152 40.90 31.13 1.75
N THR A 153 40.72 31.08 3.08
CA THR A 153 41.40 31.94 4.04
C THR A 153 42.78 31.28 4.40
N PRO A 154 43.86 32.08 4.44
CA PRO A 154 45.20 31.52 4.69
C PRO A 154 45.52 30.98 6.10
N ILE A 155 44.63 30.14 6.66
CA ILE A 155 44.90 29.52 7.97
C ILE A 155 45.92 28.39 7.70
N GLY A 156 47.11 28.56 8.28
CA GLY A 156 48.24 27.64 8.10
C GLY A 156 49.15 28.07 6.97
N CYS A 157 48.84 29.20 6.31
CA CYS A 157 49.62 29.79 5.19
C CYS A 157 50.16 31.17 5.60
N SER A 158 50.74 31.92 4.64
CA SER A 158 51.20 33.30 4.83
C SER A 158 49.99 34.21 4.64
N GLU A 159 49.96 35.36 5.34
CA GLU A 159 48.87 36.34 5.29
C GLU A 159 48.51 36.88 3.88
N ASP A 160 49.41 36.73 2.91
CA ASP A 160 49.18 37.20 1.55
C ASP A 160 48.75 36.07 0.62
N ASP A 161 48.65 34.84 1.13
CA ASP A 161 48.18 33.69 0.35
C ASP A 161 46.67 33.63 0.26
N ILE A 162 46.17 33.11 -0.88
CA ILE A 162 44.74 32.87 -1.09
C ILE A 162 44.62 31.37 -1.45
N PRO A 163 44.57 30.49 -0.40
CA PRO A 163 44.53 29.06 -0.66
C PRO A 163 43.36 28.53 -1.47
N LYS A 164 43.51 27.27 -1.93
CA LYS A 164 42.50 26.54 -2.69
C LYS A 164 42.38 25.11 -2.18
N LEU A 165 41.16 24.66 -2.02
CA LEU A 165 40.81 23.33 -1.52
C LEU A 165 40.27 22.54 -2.71
N CYS A 166 40.72 21.28 -2.83
CA CYS A 166 40.34 20.36 -3.89
C CYS A 166 39.91 19.04 -3.30
N CYS A 167 38.75 18.54 -3.75
CA CYS A 167 38.18 17.31 -3.20
C CYS A 167 37.82 16.27 -4.21
N ASP A 168 37.81 15.01 -3.74
CA ASP A 168 37.30 13.82 -4.42
C ASP A 168 36.09 13.43 -3.58
N VAL A 169 34.91 13.36 -4.19
CA VAL A 169 33.70 12.96 -3.49
C VAL A 169 33.32 11.60 -4.01
N ARG A 170 33.55 10.57 -3.19
CA ARG A 170 33.35 9.15 -3.48
C ARG A 170 31.99 8.63 -3.04
N PHE A 171 31.33 7.85 -3.90
CA PHE A 171 30.01 7.25 -3.65
C PHE A 171 30.05 5.76 -3.94
N LYS A 172 29.54 4.94 -3.01
CA LYS A 172 29.46 3.46 -3.12
C LYS A 172 28.03 3.06 -2.72
N PRO A 173 27.47 1.95 -3.26
CA PRO A 173 26.12 1.55 -2.81
C PRO A 173 26.14 1.00 -1.35
N TYR A 174 25.41 1.64 -0.40
CA TYR A 174 25.30 1.21 1.02
C TYR A 174 24.70 -0.21 1.06
N LYS A 175 25.35 -1.16 1.75
CA LYS A 175 24.90 -2.54 1.90
C LYS A 175 24.38 -3.23 0.64
N ASN A 176 24.93 -2.75 -0.52
CA ASN A 176 24.63 -3.13 -1.91
C ASN A 176 23.11 -3.08 -2.21
N MET A 177 22.36 -2.24 -1.48
CA MET A 177 20.89 -2.13 -1.66
C MET A 177 20.51 -1.60 -3.01
N THR A 178 19.46 -2.21 -3.55
CA THR A 178 18.94 -1.91 -4.86
C THR A 178 17.44 -1.75 -4.71
N PHE A 179 16.87 -0.80 -5.46
CA PHE A 179 15.44 -0.53 -5.44
C PHE A 179 14.99 -0.20 -6.83
N LEU A 180 13.77 -0.56 -7.16
CA LEU A 180 13.18 -0.20 -8.44
C LEU A 180 12.21 0.94 -8.21
N ALA A 181 12.43 2.07 -8.90
CA ALA A 181 11.51 3.19 -8.87
C ALA A 181 10.50 2.98 -9.98
N VAL A 182 9.20 3.15 -9.66
CA VAL A 182 8.15 3.06 -10.69
C VAL A 182 7.20 4.26 -10.64
N LYS A 183 6.75 4.70 -11.83
CA LYS A 183 5.75 5.74 -11.88
C LYS A 183 4.43 5.02 -12.12
N LEU A 184 3.49 5.19 -11.21
CA LEU A 184 2.17 4.55 -11.33
C LEU A 184 1.18 5.56 -11.79
N GLU A 185 0.38 5.19 -12.81
CA GLU A 185 -0.68 6.10 -13.28
C GLU A 185 -2.07 5.56 -12.98
N GLN A 186 -3.12 6.34 -13.25
CA GLN A 186 -4.52 6.01 -12.98
C GLN A 186 -4.88 4.54 -13.35
N PRO A 187 -5.51 3.82 -12.41
CA PRO A 187 -5.76 2.40 -12.66
C PRO A 187 -7.07 2.03 -13.34
N THR A 188 -7.15 0.77 -13.76
CA THR A 188 -8.34 0.05 -14.18
C THR A 188 -8.72 -0.78 -12.91
N THR A 189 -10.01 -1.04 -12.67
CA THR A 189 -10.47 -1.71 -11.46
C THR A 189 -11.10 -3.02 -11.76
N TYR A 190 -10.80 -4.03 -10.92
CA TYR A 190 -11.30 -5.39 -11.09
C TYR A 190 -11.77 -6.02 -9.79
N ALA A 191 -12.94 -6.64 -9.85
CA ALA A 191 -13.46 -7.43 -8.76
C ALA A 191 -13.17 -8.92 -9.08
N THR A 192 -12.78 -9.70 -8.06
CA THR A 192 -12.67 -11.15 -8.25
C THR A 192 -13.76 -11.78 -7.38
N PHE A 193 -14.65 -12.57 -8.00
CA PHE A 193 -15.73 -13.31 -7.33
C PHE A 193 -15.37 -14.78 -7.31
N VAL A 194 -15.73 -15.47 -6.24
CA VAL A 194 -15.57 -16.92 -6.22
C VAL A 194 -16.98 -17.49 -6.25
N TYR A 195 -17.32 -18.19 -7.31
CA TYR A 195 -18.61 -18.86 -7.40
C TYR A 195 -18.38 -20.32 -7.00
N ALA A 196 -19.25 -20.85 -6.11
CA ALA A 196 -19.16 -22.23 -5.66
C ALA A 196 -20.57 -22.78 -5.38
N ALA A 197 -20.92 -23.92 -6.00
CA ALA A 197 -22.22 -24.55 -5.84
C ALA A 197 -22.03 -25.79 -4.96
N TYR A 198 -22.92 -25.96 -3.99
CA TYR A 198 -22.82 -27.04 -3.03
C TYR A 198 -24.02 -27.91 -3.01
N ASP A 199 -23.77 -29.19 -2.76
CA ASP A 199 -24.78 -30.21 -2.59
C ASP A 199 -24.57 -30.79 -1.20
N PHE A 200 -25.65 -31.15 -0.53
CA PHE A 200 -25.56 -31.73 0.80
C PHE A 200 -26.05 -33.15 0.64
N VAL A 201 -25.11 -34.11 0.50
CA VAL A 201 -25.33 -35.53 0.29
C VAL A 201 -24.41 -36.26 1.26
N ASN A 202 -24.78 -37.47 1.64
CA ASN A 202 -24.01 -38.34 2.54
C ASN A 202 -23.69 -37.69 3.89
N GLY A 203 -24.52 -36.73 4.31
CA GLY A 203 -24.39 -36.02 5.59
C GLY A 203 -23.38 -34.89 5.60
N TYR A 204 -22.85 -34.52 4.42
CA TYR A 204 -21.89 -33.41 4.32
C TYR A 204 -22.13 -32.56 3.12
N TRP A 205 -21.60 -31.34 3.15
CA TRP A 205 -21.60 -30.45 2.00
C TRP A 205 -20.52 -30.97 1.05
N VAL A 206 -20.82 -30.95 -0.24
CA VAL A 206 -19.82 -31.30 -1.24
C VAL A 206 -19.84 -30.21 -2.31
N GLU A 207 -18.66 -29.71 -2.67
CA GLU A 207 -18.52 -28.67 -3.69
C GLU A 207 -18.78 -29.30 -5.06
N LYS A 208 -19.86 -28.86 -5.73
CA LYS A 208 -20.31 -29.36 -7.02
C LYS A 208 -19.74 -28.63 -8.23
N ASP A 209 -19.23 -27.41 -8.00
CA ASP A 209 -18.68 -26.53 -9.03
C ASP A 209 -18.05 -25.33 -8.32
N LYS A 210 -16.96 -24.80 -8.87
CA LYS A 210 -16.25 -23.65 -8.35
C LYS A 210 -15.46 -22.97 -9.46
N THR A 211 -15.68 -21.66 -9.64
CA THR A 211 -14.93 -20.88 -10.64
C THR A 211 -14.59 -19.52 -10.09
N LYS A 212 -13.47 -18.94 -10.52
CA LYS A 212 -13.11 -17.57 -10.16
C LYS A 212 -13.63 -16.70 -11.32
N ILE A 213 -14.31 -15.61 -11.01
CA ILE A 213 -14.87 -14.70 -12.01
C ILE A 213 -14.25 -13.30 -11.86
N ARG A 214 -13.76 -12.77 -12.98
CA ARG A 214 -13.15 -11.44 -12.99
C ARG A 214 -14.07 -10.46 -13.72
N SER A 215 -14.24 -9.25 -13.17
CA SER A 215 -15.12 -8.25 -13.75
C SER A 215 -14.51 -6.83 -13.65
N GLN A 216 -14.37 -6.15 -14.80
CA GLN A 216 -13.89 -4.77 -14.84
C GLN A 216 -15.00 -3.86 -14.29
N LEU A 217 -14.63 -2.92 -13.38
CA LEU A 217 -15.60 -2.05 -12.69
C LEU A 217 -15.74 -0.62 -13.19
N ASP A 218 -14.78 -0.13 -13.98
CA ASP A 218 -14.76 1.28 -14.45
C ASP A 218 -15.81 1.65 -15.46
N GLY A 219 -16.27 0.69 -16.24
CA GLY A 219 -17.25 0.95 -17.28
C GLY A 219 -18.66 0.57 -16.87
N GLY A 220 -19.40 0.08 -17.85
CA GLY A 220 -20.78 -0.35 -17.70
C GLY A 220 -20.90 -1.74 -17.12
N THR A 221 -22.15 -2.23 -17.05
CA THR A 221 -22.51 -3.57 -16.55
C THR A 221 -21.69 -4.62 -17.27
N GLN A 222 -21.10 -5.55 -16.53
CA GLN A 222 -20.34 -6.65 -17.13
C GLN A 222 -21.09 -7.88 -16.77
N ASP A 223 -21.35 -8.74 -17.76
CA ASP A 223 -22.15 -9.93 -17.59
C ASP A 223 -21.47 -11.19 -18.18
N ARG A 224 -21.82 -12.36 -17.64
CA ARG A 224 -21.37 -13.70 -18.07
C ARG A 224 -22.19 -14.76 -17.36
N HIS A 225 -22.08 -16.01 -17.85
CA HIS A 225 -22.71 -17.18 -17.24
C HIS A 225 -21.95 -17.54 -15.97
N LEU A 226 -22.70 -17.91 -14.94
CA LEU A 226 -22.20 -18.27 -13.64
C LEU A 226 -21.90 -19.78 -13.54
N ASP A 227 -22.89 -20.63 -13.87
CA ASP A 227 -22.77 -22.08 -13.73
C ASP A 227 -22.23 -22.83 -14.95
N GLN A 228 -21.79 -24.09 -14.72
CA GLN A 228 -21.31 -24.99 -15.78
C GLN A 228 -22.42 -25.27 -16.81
N LYS A 229 -23.70 -25.37 -16.38
CA LYS A 229 -24.85 -25.60 -17.28
C LYS A 229 -25.33 -24.35 -18.05
N ARG A 230 -24.74 -23.16 -17.75
CA ARG A 230 -25.03 -21.89 -18.40
C ARG A 230 -26.52 -21.45 -18.27
N ARG A 231 -27.13 -21.72 -17.10
CA ARG A 231 -28.53 -21.38 -16.81
C ARG A 231 -28.63 -20.04 -16.08
N ILE A 232 -27.63 -19.75 -15.24
CA ILE A 232 -27.60 -18.58 -14.40
C ILE A 232 -26.52 -17.63 -14.86
N SER A 233 -26.83 -16.34 -14.91
CA SER A 233 -25.90 -15.29 -15.29
C SER A 233 -25.69 -14.30 -14.17
N LEU A 234 -24.48 -13.75 -14.10
CA LEU A 234 -24.09 -12.77 -13.08
C LEU A 234 -23.73 -11.45 -13.77
N ALA A 235 -24.52 -10.42 -13.55
CA ALA A 235 -24.25 -9.09 -14.15
C ALA A 235 -23.75 -8.22 -12.99
N VAL A 236 -22.58 -7.63 -13.17
CA VAL A 236 -21.94 -6.82 -12.15
C VAL A 236 -21.98 -5.35 -12.55
N THR A 237 -22.53 -4.50 -11.69
CA THR A 237 -22.54 -3.05 -11.89
C THR A 237 -21.92 -2.33 -10.67
N ALA A 238 -20.83 -1.55 -10.87
CA ALA A 238 -20.32 -0.72 -9.78
C ALA A 238 -21.06 0.64 -9.86
N GLY A 239 -21.40 1.17 -8.68
CA GLY A 239 -22.06 2.46 -8.49
C GLY A 239 -21.17 3.59 -8.98
N ALA A 240 -19.87 3.45 -8.73
CA ALA A 240 -18.77 4.31 -9.18
C ALA A 240 -17.38 3.84 -8.77
N ARG A 241 -16.35 4.69 -8.91
CA ARG A 241 -14.96 4.33 -8.57
C ARG A 241 -14.77 3.85 -7.13
N ALA A 242 -14.03 2.72 -6.95
CA ALA A 242 -13.67 2.04 -5.68
C ALA A 242 -13.44 3.09 -4.60
N SER A 243 -13.92 2.89 -3.36
CA SER A 243 -13.77 3.96 -2.36
C SER A 243 -12.33 4.51 -2.11
N HIS A 244 -11.25 3.69 -2.32
CA HIS A 244 -9.87 4.13 -2.14
C HIS A 244 -9.07 3.99 -3.39
N GLN A 245 -7.98 4.78 -3.54
CA GLN A 245 -7.08 4.75 -4.68
C GLN A 245 -5.68 5.28 -4.36
N LEU A 246 -4.65 4.62 -4.87
CA LEU A 246 -3.27 5.08 -4.74
C LEU A 246 -3.07 6.20 -5.78
N GLU A 247 -2.67 7.39 -5.31
CA GLU A 247 -2.42 8.58 -6.15
C GLU A 247 -1.40 8.33 -7.26
N THR A 248 -1.55 9.03 -8.40
CA THR A 248 -0.57 8.94 -9.49
C THR A 248 0.74 9.53 -8.95
N GLY A 249 1.86 8.87 -9.25
CA GLY A 249 3.19 9.29 -8.80
C GLY A 249 4.20 8.17 -8.66
N MET A 250 5.30 8.51 -7.99
CA MET A 250 6.47 7.69 -7.75
C MET A 250 6.39 6.77 -6.52
N TYR A 251 6.61 5.48 -6.74
CA TYR A 251 6.65 4.43 -5.73
C TYR A 251 7.90 3.62 -5.97
N PHE A 252 8.27 2.78 -5.00
CA PHE A 252 9.46 1.95 -5.13
C PHE A 252 9.39 0.62 -4.37
N SER A 253 10.22 -0.32 -4.77
CA SER A 253 10.31 -1.62 -4.12
C SER A 253 11.76 -1.98 -3.98
N ARG A 254 12.13 -2.69 -2.89
CA ARG A 254 13.49 -3.21 -2.73
C ARG A 254 13.63 -4.31 -3.80
N THR A 255 14.81 -4.42 -4.42
CA THR A 255 15.05 -5.49 -5.37
C THR A 255 16.15 -6.44 -4.87
N SER A 256 16.02 -7.72 -5.21
CA SER A 256 16.97 -8.81 -4.91
C SER A 256 18.04 -8.89 -6.01
N ASN A 257 18.94 -9.89 -5.97
CA ASN A 257 19.98 -10.07 -7.00
C ASN A 257 19.38 -10.29 -8.41
N GLY A 258 18.29 -11.06 -8.47
CA GLY A 258 17.58 -11.34 -9.71
C GLY A 258 16.60 -10.28 -10.15
N GLY A 259 16.57 -9.14 -9.45
CA GLY A 259 15.67 -8.03 -9.74
C GLY A 259 14.24 -8.26 -9.28
N GLU A 260 14.04 -9.31 -8.45
CA GLU A 260 12.74 -9.67 -7.86
C GLU A 260 12.28 -8.54 -6.93
N THR A 261 11.04 -8.10 -7.13
CA THR A 261 10.43 -7.01 -6.35
C THR A 261 9.63 -7.54 -5.18
N GLU A 262 9.16 -6.62 -4.33
CA GLU A 262 8.39 -6.97 -3.15
C GLU A 262 7.28 -5.91 -2.91
N GLU A 263 6.87 -5.68 -1.66
CA GLU A 263 5.84 -4.70 -1.29
C GLU A 263 6.27 -3.26 -1.62
N LEU A 264 5.40 -2.51 -2.31
CA LEU A 264 5.67 -1.13 -2.70
C LEU A 264 5.70 -0.20 -1.51
N ARG A 265 6.58 0.80 -1.57
CA ARG A 265 6.74 1.82 -0.54
C ARG A 265 6.56 3.22 -1.17
N MET A 266 6.24 4.20 -0.34
CA MET A 266 6.07 5.57 -0.79
C MET A 266 6.93 6.47 0.11
N GLN A 267 7.84 7.22 -0.51
CA GLN A 267 8.76 8.17 0.13
C GLN A 267 9.13 9.18 -0.98
N PRO A 268 9.26 10.52 -0.73
CA PRO A 268 9.59 11.46 -1.84
C PRO A 268 10.73 10.95 -2.71
N LEU A 269 10.41 10.81 -4.00
CA LEU A 269 11.19 10.14 -5.01
C LEU A 269 11.08 10.82 -6.36
N ASN A 270 12.24 11.07 -6.96
CA ASN A 270 12.35 11.69 -8.27
C ASN A 270 11.73 10.86 -9.37
N GLU A 271 11.08 11.55 -10.28
CA GLU A 271 10.61 10.98 -11.53
C GLU A 271 11.90 10.83 -12.36
N ILE A 272 11.84 10.09 -13.47
CA ILE A 272 13.03 9.85 -14.29
C ILE A 272 13.77 11.12 -14.77
N THR A 273 13.00 12.18 -15.06
CA THR A 273 13.52 13.46 -15.56
C THR A 273 13.88 14.46 -14.46
N ASP A 274 13.57 14.14 -13.21
CA ASP A 274 13.88 14.99 -12.07
C ASP A 274 15.22 14.65 -11.47
N ASN A 275 15.91 15.68 -10.94
CA ASN A 275 17.19 15.52 -10.27
C ASN A 275 17.23 16.39 -9.02
N ASN A 276 16.23 16.19 -8.12
CA ASN A 276 16.08 16.90 -6.85
C ASN A 276 16.80 16.06 -5.76
N PHE A 277 17.83 16.64 -5.18
CA PHE A 277 18.67 16.01 -4.16
C PHE A 277 18.03 15.87 -2.78
N ASP A 278 16.84 16.48 -2.56
CA ASP A 278 16.04 16.34 -1.32
C ASP A 278 15.24 15.02 -1.36
N ARG A 279 15.15 14.38 -2.55
CA ARG A 279 14.34 13.17 -2.77
C ARG A 279 15.18 11.96 -3.20
N LEU A 280 14.58 10.76 -3.05
CA LEU A 280 15.23 9.51 -3.44
C LEU A 280 15.44 9.43 -4.97
N GLY A 281 16.34 8.56 -5.37
CA GLY A 281 16.57 8.27 -6.78
C GLY A 281 17.62 9.06 -7.51
N TRP A 282 18.41 9.93 -6.81
CA TRP A 282 19.50 10.65 -7.46
C TRP A 282 20.77 9.78 -7.72
N TYR A 283 20.84 8.59 -7.09
CA TYR A 283 21.96 7.64 -7.20
C TYR A 283 21.40 6.41 -7.92
N ARG A 284 21.58 6.39 -9.25
CA ARG A 284 21.00 5.43 -10.21
C ARG A 284 21.97 4.44 -10.79
N MET A 285 21.46 3.24 -11.07
CA MET A 285 22.25 2.16 -11.69
C MET A 285 22.11 2.24 -13.22
N ASP A 286 23.23 2.15 -13.99
CA ASP A 286 23.19 2.18 -15.47
C ASP A 286 22.85 0.79 -16.06
N ASP A 287 22.95 0.60 -17.41
CA ASP A 287 22.67 -0.69 -18.11
C ASP A 287 23.57 -1.83 -17.62
N SER A 288 24.77 -1.50 -17.12
CA SER A 288 25.67 -2.42 -16.44
C SER A 288 25.26 -2.22 -14.97
N GLY A 289 25.67 -3.07 -14.05
CA GLY A 289 25.24 -2.83 -12.67
C GLY A 289 25.99 -1.72 -11.94
N HIS A 290 26.42 -0.64 -12.66
CA HIS A 290 27.19 0.47 -12.07
CA HIS A 290 27.18 0.46 -12.05
C HIS A 290 26.32 1.66 -11.65
N PHE A 291 26.52 2.15 -10.41
CA PHE A 291 25.81 3.28 -9.85
C PHE A 291 26.51 4.60 -10.13
N HIS A 292 25.73 5.66 -10.38
CA HIS A 292 26.19 7.00 -10.72
C HIS A 292 25.33 8.00 -9.98
N VAL A 293 25.91 9.18 -9.67
CA VAL A 293 25.16 10.30 -9.13
C VAL A 293 24.63 10.91 -10.44
N ASN A 294 23.31 10.99 -10.58
CA ASN A 294 22.65 11.53 -11.76
C ASN A 294 23.21 12.93 -12.09
N ASN A 295 23.90 13.06 -13.25
CA ASN A 295 24.52 14.33 -13.70
C ASN A 295 25.54 14.84 -12.65
N GLY A 296 26.18 13.89 -11.95
CA GLY A 296 27.15 14.14 -10.88
C GLY A 296 28.28 15.09 -11.19
N VAL A 297 28.86 15.01 -12.39
CA VAL A 297 29.97 15.87 -12.81
C VAL A 297 29.58 17.38 -12.69
N VAL A 298 28.35 17.72 -13.12
CA VAL A 298 27.81 19.07 -13.12
C VAL A 298 27.17 19.48 -11.77
N LYS A 299 26.54 18.52 -11.09
CA LYS A 299 25.81 18.78 -9.84
C LYS A 299 26.68 18.81 -8.61
N MET A 300 27.85 18.16 -8.63
CA MET A 300 28.71 18.06 -7.46
C MET A 300 29.00 19.37 -6.76
N GLU A 301 29.30 20.43 -7.52
CA GLU A 301 29.59 21.76 -6.99
C GLU A 301 28.40 22.40 -6.27
N GLU A 302 27.18 21.91 -6.55
CA GLU A 302 25.96 22.41 -5.94
C GLU A 302 25.68 21.67 -4.62
N ILE A 303 26.05 20.39 -4.53
CA ILE A 303 25.75 19.58 -3.34
C ILE A 303 26.92 19.42 -2.34
N HIS A 304 28.13 19.42 -2.84
CA HIS A 304 29.30 19.32 -1.97
C HIS A 304 29.72 20.69 -1.47
N LYS A 305 29.62 20.88 -0.15
CA LYS A 305 29.93 22.11 0.57
C LYS A 305 31.16 21.84 1.40
N ALA A 306 32.26 22.55 1.09
CA ALA A 306 33.51 22.36 1.80
C ALA A 306 34.23 23.66 2.06
N LYS A 307 35.07 23.64 3.08
CA LYS A 307 35.81 24.80 3.55
C LYS A 307 37.05 24.34 4.34
N VAL A 308 38.16 25.06 4.16
CA VAL A 308 39.43 24.84 4.88
C VAL A 308 39.22 25.12 6.38
N LYS A 309 39.88 24.33 7.23
CA LYS A 309 39.91 24.56 8.68
C LYS A 309 41.35 25.06 8.87
N ASN A 310 42.35 24.20 8.60
CA ASN A 310 43.76 24.55 8.56
C ASN A 310 44.37 23.93 7.29
N CYS A 311 44.89 24.77 6.38
CA CYS A 311 45.50 24.38 5.10
C CYS A 311 46.72 23.48 5.25
N LYS A 312 47.65 23.85 6.15
CA LYS A 312 48.88 23.12 6.40
C LYS A 312 48.61 21.77 7.06
N GLU A 313 47.69 21.73 8.03
CA GLU A 313 47.31 20.50 8.74
C GLU A 313 46.44 19.60 7.86
N GLN A 314 45.94 20.12 6.71
CA GLN A 314 45.09 19.41 5.75
C GLN A 314 43.77 19.02 6.42
N THR A 315 43.23 19.95 7.22
CA THR A 315 41.96 19.79 7.93
C THR A 315 40.95 20.68 7.25
N TYR A 316 39.71 20.20 7.17
CA TYR A 316 38.68 20.88 6.43
C TYR A 316 37.30 20.43 6.88
N LYS A 317 36.27 21.24 6.56
CA LYS A 317 34.86 20.97 6.84
C LYS A 317 34.24 20.54 5.53
N SER A 318 33.35 19.55 5.56
CA SER A 318 32.75 18.98 4.39
C SER A 318 31.41 18.32 4.73
N ILE A 319 30.37 18.66 3.94
CA ILE A 319 29.05 18.06 4.06
C ILE A 319 28.43 17.93 2.68
N LEU A 320 27.44 17.04 2.59
CA LEU A 320 26.66 16.89 1.38
C LEU A 320 25.32 17.54 1.64
N SER A 321 24.94 18.52 0.79
CA SER A 321 23.63 19.20 0.90
C SER A 321 22.64 18.42 0.04
N ALA A 322 22.12 17.33 0.61
CA ALA A 322 21.23 16.38 -0.05
C ALA A 322 20.63 15.49 1.02
N ASN A 323 19.63 14.70 0.63
CA ASN A 323 19.01 13.72 1.51
C ASN A 323 19.31 12.33 0.94
N HIS A 324 19.03 11.28 1.74
CA HIS A 324 19.10 9.88 1.35
C HIS A 324 20.47 9.34 0.99
N TYR A 325 21.39 9.41 1.95
CA TYR A 325 22.75 8.90 1.81
C TYR A 325 23.32 8.50 3.17
N MET A 326 24.36 7.68 3.14
CA MET A 326 25.04 7.22 4.34
C MET A 326 26.47 7.77 4.46
N PRO A 327 26.96 8.01 5.69
CA PRO A 327 26.31 7.80 6.99
C PRO A 327 25.40 8.93 7.46
N GLY A 328 24.41 8.57 8.29
CA GLY A 328 23.49 9.45 8.99
C GLY A 328 22.39 10.22 8.28
N HIS A 329 22.11 9.95 6.98
CA HIS A 329 21.06 10.71 6.26
C HIS A 329 20.10 9.84 5.46
N PHE A 330 19.80 8.65 5.98
CA PHE A 330 18.89 7.75 5.34
C PHE A 330 18.04 6.97 6.32
N ASN A 331 16.73 6.99 6.09
CA ASN A 331 15.75 6.23 6.82
C ASN A 331 14.69 5.74 5.83
N LEU A 332 14.46 4.44 5.83
CA LEU A 332 13.55 3.77 4.93
C LEU A 332 12.15 3.65 5.55
N THR A 333 11.13 4.15 4.82
CA THR A 333 9.71 4.06 5.17
C THR A 333 9.32 2.58 5.11
N ARG A 334 8.32 2.22 5.87
CA ARG A 334 7.75 0.88 5.89
C ARG A 334 6.87 0.74 4.65
N PRO A 335 6.59 -0.49 4.16
CA PRO A 335 5.74 -0.62 2.95
C PRO A 335 4.32 -0.05 3.10
N LEU A 336 3.72 0.34 1.96
CA LEU A 336 2.36 0.89 1.90
C LEU A 336 1.33 0.02 2.64
N GLU A 337 1.39 -1.33 2.45
CA GLU A 337 0.47 -2.29 3.09
C GLU A 337 0.56 -2.30 4.61
N VAL A 338 1.76 -2.03 5.17
CA VAL A 338 1.96 -1.99 6.62
C VAL A 338 1.32 -0.69 7.22
N ILE A 339 1.51 0.46 6.56
CA ILE A 339 1.07 1.77 7.05
C ILE A 339 -0.38 2.15 6.71
N LYS A 340 -0.96 1.55 5.66
CA LYS A 340 -2.32 1.87 5.27
C LYS A 340 -3.28 0.73 5.56
N PRO A 341 -4.17 0.91 6.56
CA PRO A 341 -5.17 -0.15 6.87
C PRO A 341 -5.97 -0.62 5.63
N TRP A 342 -6.33 0.34 4.74
CA TRP A 342 -7.07 0.05 3.50
C TRP A 342 -6.32 -0.80 2.47
N ILE A 343 -4.98 -0.89 2.58
CA ILE A 343 -4.14 -1.64 1.64
C ILE A 343 -3.77 -2.97 2.25
N GLN A 344 -4.25 -4.05 1.63
CA GLN A 344 -3.94 -5.43 2.01
C GLN A 344 -2.60 -5.75 1.33
N SER A 345 -2.39 -5.23 0.11
CA SER A 345 -1.17 -5.48 -0.66
C SER A 345 -1.04 -4.49 -1.82
N ALA A 346 0.22 -4.16 -2.17
CA ALA A 346 0.56 -3.24 -3.26
C ALA A 346 1.90 -3.76 -3.81
N ARG A 347 1.87 -4.48 -4.95
CA ARG A 347 3.04 -5.15 -5.55
C ARG A 347 3.12 -4.94 -7.07
N ILE A 348 4.27 -5.24 -7.65
CA ILE A 348 4.45 -5.26 -9.09
C ILE A 348 3.98 -6.65 -9.48
N PHE A 349 3.06 -6.75 -10.47
CA PHE A 349 2.46 -8.02 -10.88
C PHE A 349 3.42 -9.16 -11.26
N ASP A 350 4.30 -8.94 -12.22
CA ASP A 350 5.23 -9.97 -12.66
C ASP A 350 6.53 -9.33 -13.14
N SER A 351 7.48 -10.18 -13.64
CA SER A 351 8.79 -9.82 -14.15
C SER A 351 8.82 -8.91 -15.38
N SER A 352 7.69 -8.75 -16.11
CA SER A 352 7.63 -7.84 -17.26
C SER A 352 7.55 -6.38 -16.77
N LEU A 353 7.23 -6.16 -15.47
CA LEU A 353 7.21 -4.83 -14.80
C LEU A 353 6.33 -3.81 -15.52
N ARG A 354 5.12 -4.23 -15.94
CA ARG A 354 4.18 -3.38 -16.69
C ARG A 354 3.04 -2.85 -15.84
N GLN A 355 2.62 -3.64 -14.83
CA GLN A 355 1.51 -3.22 -13.97
C GLN A 355 1.80 -3.47 -12.49
N ALA A 356 1.31 -2.57 -11.64
CA ALA A 356 1.35 -2.71 -10.20
C ALA A 356 -0.11 -3.00 -9.81
N VAL A 357 -0.30 -3.94 -8.88
CA VAL A 357 -1.61 -4.38 -8.39
C VAL A 357 -1.75 -4.02 -6.93
N VAL A 358 -2.78 -3.25 -6.64
CA VAL A 358 -3.13 -2.84 -5.29
C VAL A 358 -4.41 -3.63 -4.93
N THR A 359 -4.32 -4.49 -3.90
CA THR A 359 -5.44 -5.29 -3.34
C THR A 359 -5.97 -4.50 -2.14
N HIS A 360 -7.27 -4.18 -2.16
CA HIS A 360 -7.95 -3.38 -1.14
C HIS A 360 -8.49 -4.22 0.00
N ALA A 361 -8.23 -3.77 1.23
CA ALA A 361 -8.74 -4.41 2.43
C ALA A 361 -10.13 -3.86 2.73
N GLU A 362 -10.43 -2.64 2.20
CA GLU A 362 -11.71 -1.94 2.38
C GLU A 362 -12.22 -1.44 1.02
N GLY A 363 -13.52 -1.54 0.81
CA GLY A 363 -14.15 -1.14 -0.43
C GLY A 363 -15.67 -1.17 -0.35
N THR A 364 -16.34 -0.29 -1.13
CA THR A 364 -17.80 -0.22 -1.16
C THR A 364 -18.39 -1.48 -1.85
N ASN A 365 -19.70 -1.68 -1.67
CA ASN A 365 -20.50 -2.76 -2.22
C ASN A 365 -20.62 -2.68 -3.71
N LEU A 366 -20.80 -3.83 -4.36
CA LEU A 366 -21.07 -3.88 -5.78
C LEU A 366 -22.53 -4.27 -5.98
N GLN A 367 -23.12 -3.87 -7.10
CA GLN A 367 -24.50 -4.15 -7.45
C GLN A 367 -24.53 -5.34 -8.38
N ILE A 368 -25.32 -6.33 -8.00
CA ILE A 368 -25.45 -7.58 -8.73
C ILE A 368 -26.88 -7.77 -9.24
N SER A 369 -26.99 -8.33 -10.44
CA SER A 369 -28.24 -8.72 -11.02
C SER A 369 -28.09 -10.18 -11.48
N ILE A 370 -28.88 -11.08 -10.86
CA ILE A 370 -28.88 -12.51 -11.21
C ILE A 370 -30.05 -12.73 -12.11
N HIS A 371 -29.79 -13.30 -13.30
CA HIS A 371 -30.81 -13.55 -14.33
C HIS A 371 -30.64 -14.93 -14.97
N LEU A 372 -31.73 -15.47 -15.52
CA LEU A 372 -31.77 -16.82 -16.10
C LEU A 372 -32.05 -16.81 -17.60
N GLU A 377 -36.42 -22.45 -19.25
CA GLU A 377 -37.59 -22.91 -18.49
C GLU A 377 -38.01 -21.95 -17.36
N SER A 378 -39.29 -22.01 -16.95
CA SER A 378 -39.86 -21.20 -15.87
C SER A 378 -39.37 -21.75 -14.52
N GLN A 379 -38.69 -20.90 -13.74
CA GLN A 379 -38.08 -21.25 -12.45
C GLN A 379 -37.93 -20.03 -11.51
N ASN A 380 -37.83 -20.27 -10.18
CA ASN A 380 -37.72 -19.23 -9.15
C ASN A 380 -36.45 -19.34 -8.29
N LEU A 381 -35.84 -18.18 -8.00
CA LEU A 381 -34.64 -18.04 -7.18
C LEU A 381 -35.02 -17.64 -5.77
N VAL A 382 -34.52 -18.37 -4.78
CA VAL A 382 -34.76 -18.09 -3.38
C VAL A 382 -33.42 -17.89 -2.71
N PHE A 383 -33.23 -16.74 -2.09
CA PHE A 383 -32.02 -16.41 -1.36
C PHE A 383 -32.16 -16.80 0.10
N PHE A 384 -31.05 -17.30 0.67
CA PHE A 384 -30.97 -17.79 2.04
C PHE A 384 -29.80 -17.16 2.78
N HIS A 385 -29.98 -16.91 4.08
CA HIS A 385 -28.89 -16.45 4.92
C HIS A 385 -28.78 -17.28 6.21
N ASN A 386 -27.61 -17.23 6.83
CA ASN A 386 -27.30 -17.86 8.09
C ASN A 386 -27.46 -16.82 9.19
N ALA A 387 -27.73 -17.30 10.41
CA ALA A 387 -27.83 -16.46 11.61
C ALA A 387 -26.42 -15.93 11.93
N SER A 388 -26.36 -14.78 12.58
CA SER A 388 -25.10 -14.20 13.01
C SER A 388 -24.95 -14.52 14.49
N ARG A 389 -23.71 -14.63 14.95
CA ARG A 389 -23.40 -14.98 16.34
C ARG A 389 -22.09 -14.38 16.80
N ILE A 390 -21.97 -14.19 18.12
CA ILE A 390 -20.79 -13.70 18.83
C ILE A 390 -20.81 -14.11 20.31
N ARG A 391 -19.72 -14.70 20.80
CA ARG A 391 -19.61 -15.09 22.19
C ARG A 391 -19.02 -13.94 23.00
N ASP A 392 -17.92 -13.34 22.50
CA ASP A 392 -17.22 -12.27 23.22
C ASP A 392 -16.36 -11.51 22.26
N PHE A 393 -15.68 -10.46 22.78
CA PHE A 393 -14.74 -9.67 22.02
C PHE A 393 -13.72 -9.06 22.94
N SER A 394 -12.61 -8.62 22.39
CA SER A 394 -11.55 -7.88 23.08
C SER A 394 -10.94 -6.89 22.09
N GLY A 395 -10.15 -5.97 22.59
CA GLY A 395 -9.50 -5.00 21.73
C GLY A 395 -9.06 -3.73 22.44
N SER A 396 -8.66 -2.74 21.62
CA SER A 396 -8.21 -1.43 22.06
C SER A 396 -8.45 -0.38 20.98
N ILE A 397 -8.47 0.89 21.37
CA ILE A 397 -8.62 2.04 20.49
C ILE A 397 -7.21 2.56 20.32
N ILE A 398 -6.82 2.70 19.06
CA ILE A 398 -5.46 3.06 18.71
C ILE A 398 -5.37 4.25 17.76
N VAL A 399 -4.39 5.11 18.02
CA VAL A 399 -3.98 6.17 17.10
C VAL A 399 -2.52 5.83 16.83
N ASP A 400 -2.23 5.33 15.63
CA ASP A 400 -0.88 4.89 15.31
C ASP A 400 0.08 6.06 14.98
N SER A 401 1.34 5.72 14.69
CA SER A 401 2.38 6.68 14.36
C SER A 401 2.10 7.45 13.05
N LYS A 402 1.13 6.96 12.23
CA LYS A 402 0.69 7.61 10.98
C LYS A 402 -0.70 8.29 11.09
N SER A 403 -1.21 8.42 12.33
CA SER A 403 -2.49 9.10 12.65
C SER A 403 -3.76 8.36 12.23
N ASN A 404 -3.66 7.05 11.98
CA ASN A 404 -4.82 6.21 11.69
C ASN A 404 -5.51 6.00 13.03
N ARG A 405 -6.79 6.36 13.13
CA ARG A 405 -7.63 6.24 14.33
C ARG A 405 -8.48 5.01 14.10
N LEU A 406 -8.15 3.96 14.83
CA LEU A 406 -8.74 2.63 14.66
C LEU A 406 -9.20 1.97 15.95
N PHE A 407 -10.15 1.04 15.82
CA PHE A 407 -10.52 0.13 16.88
C PHE A 407 -9.91 -1.24 16.46
N ASN A 408 -8.85 -1.71 17.19
CA ASN A 408 -8.23 -2.99 16.89
C ASN A 408 -9.06 -4.01 17.65
N LEU A 409 -9.85 -4.79 16.91
CA LEU A 409 -10.85 -5.70 17.43
C LEU A 409 -10.56 -7.17 17.18
N THR A 410 -10.85 -8.01 18.17
CA THR A 410 -10.82 -9.44 18.07
C THR A 410 -12.19 -9.93 18.54
N VAL A 411 -12.90 -10.64 17.66
CA VAL A 411 -14.18 -11.24 17.98
C VAL A 411 -13.94 -12.74 18.30
N TYR A 412 -14.66 -13.28 19.29
CA TYR A 412 -14.50 -14.68 19.67
C TYR A 412 -15.74 -15.47 19.34
N GLU A 413 -15.55 -16.64 18.72
CA GLU A 413 -16.61 -17.57 18.30
C GLU A 413 -17.71 -16.80 17.56
N ALA A 414 -17.28 -15.96 16.62
CA ALA A 414 -18.21 -15.12 15.88
C ALA A 414 -18.42 -15.56 14.42
N SER A 415 -19.56 -15.15 13.84
CA SER A 415 -19.96 -15.46 12.47
C SER A 415 -21.01 -14.48 11.97
N GLY A 416 -20.84 -13.99 10.74
CA GLY A 416 -21.78 -13.10 10.09
C GLY A 416 -21.67 -11.63 10.44
N LYS A 417 -22.83 -10.98 10.61
CA LYS A 417 -23.02 -9.55 10.81
C LYS A 417 -23.02 -9.16 12.28
N ILE A 418 -22.03 -8.32 12.66
CA ILE A 418 -21.86 -7.85 14.03
C ILE A 418 -21.97 -6.33 14.08
N ASP A 419 -23.02 -5.85 14.78
CA ASP A 419 -23.29 -4.42 14.95
C ASP A 419 -22.67 -3.91 16.25
N GLY A 420 -21.91 -2.82 16.13
CA GLY A 420 -21.19 -2.21 17.23
C GLY A 420 -21.55 -0.76 17.50
N SER A 421 -21.39 -0.36 18.78
CA SER A 421 -21.67 1.00 19.23
C SER A 421 -20.52 1.45 20.08
N VAL A 422 -20.00 2.65 19.78
CA VAL A 422 -18.93 3.29 20.53
C VAL A 422 -19.61 4.32 21.43
N LYS A 423 -19.31 4.26 22.75
CA LYS A 423 -19.93 5.15 23.72
C LYS A 423 -19.10 6.39 24.09
N MET A 424 -19.79 7.41 24.59
CA MET A 424 -19.23 8.68 25.05
C MET A 424 -18.24 8.49 26.22
N SER A 425 -18.54 7.58 27.16
CA SER A 425 -17.66 7.30 28.28
C SER A 425 -17.56 5.81 28.56
N THR A 426 -17.05 5.44 29.75
CA THR A 426 -16.83 4.05 30.16
C THR A 426 -18.14 3.34 30.52
N GLY A 427 -19.17 4.13 30.86
CA GLY A 427 -20.49 3.62 31.21
C GLY A 427 -21.17 3.00 30.00
N PHE A 428 -21.68 1.77 30.18
CA PHE A 428 -22.33 0.99 29.12
C PHE A 428 -23.63 1.65 28.60
N GLY A 429 -24.24 2.53 29.41
CA GLY A 429 -25.46 3.25 29.09
C GLY A 429 -25.22 4.69 28.65
N SER A 430 -23.95 5.12 28.52
CA SER A 430 -23.62 6.47 28.04
C SER A 430 -23.95 6.54 26.56
N ASP A 431 -24.18 7.76 26.04
CA ASP A 431 -24.57 8.00 24.64
C ASP A 431 -23.68 7.35 23.64
N THR A 432 -24.27 6.97 22.53
CA THR A 432 -23.54 6.38 21.42
C THR A 432 -23.00 7.53 20.57
N ILE A 433 -21.69 7.52 20.28
CA ILE A 433 -21.06 8.55 19.44
C ILE A 433 -20.70 8.00 18.05
N HIS A 434 -20.78 6.68 17.88
CA HIS A 434 -20.47 6.04 16.61
C HIS A 434 -21.05 4.64 16.51
N THR A 435 -21.57 4.29 15.34
CA THR A 435 -22.13 2.96 15.04
C THR A 435 -21.47 2.43 13.81
N PHE A 436 -21.18 1.14 13.85
CA PHE A 436 -20.50 0.43 12.78
C PHE A 436 -21.02 -1.00 12.75
N THR A 437 -20.66 -1.72 11.69
CA THR A 437 -20.96 -3.11 11.44
C THR A 437 -19.72 -3.78 10.90
N ALA A 438 -19.34 -4.91 11.51
CA ALA A 438 -18.23 -5.76 11.09
C ALA A 438 -18.80 -7.06 10.54
N TYR A 439 -18.11 -7.66 9.58
CA TYR A 439 -18.54 -8.89 8.95
C TYR A 439 -17.51 -10.00 9.12
N VAL A 440 -17.97 -11.21 9.52
CA VAL A 440 -17.11 -12.40 9.67
C VAL A 440 -17.64 -13.41 8.66
N SER A 441 -16.87 -13.68 7.61
CA SER A 441 -17.29 -14.54 6.51
C SER A 441 -17.26 -16.08 6.75
N ASP A 442 -16.66 -16.51 7.87
CA ASP A 442 -16.58 -17.94 8.22
C ASP A 442 -17.97 -18.48 8.54
N LEU A 443 -18.29 -19.65 8.02
CA LEU A 443 -19.57 -20.32 8.25
C LEU A 443 -19.71 -20.74 9.72
N HIS A 444 -18.60 -21.17 10.34
CA HIS A 444 -18.62 -21.60 11.74
C HIS A 444 -17.99 -20.57 12.62
N ALA A 445 -18.44 -20.51 13.88
CA ALA A 445 -17.95 -19.58 14.90
C ALA A 445 -16.40 -19.57 14.91
N SER A 446 -15.80 -18.43 14.55
CA SER A 446 -14.35 -18.26 14.44
C SER A 446 -13.83 -17.07 15.24
N ASN A 447 -12.53 -17.14 15.60
CA ASN A 447 -11.79 -16.09 16.28
C ASN A 447 -11.08 -15.29 15.18
N ARG A 448 -11.41 -13.99 15.07
CA ARG A 448 -10.90 -13.10 14.02
C ARG A 448 -10.56 -11.70 14.52
N SER A 449 -9.42 -11.20 14.06
CA SER A 449 -8.94 -9.87 14.34
C SER A 449 -9.21 -8.96 13.14
N MET A 450 -9.61 -7.72 13.42
CA MET A 450 -9.93 -6.73 12.41
C MET A 450 -9.67 -5.32 12.89
N ILE A 451 -9.59 -4.40 11.94
CA ILE A 451 -9.37 -2.98 12.17
C ILE A 451 -10.61 -2.22 11.73
N ILE A 452 -11.23 -1.47 12.66
CA ILE A 452 -12.40 -0.67 12.40
C ILE A 452 -12.01 0.80 12.43
N PRO A 453 -12.03 1.53 11.30
CA PRO A 453 -11.74 2.97 11.35
C PRO A 453 -12.73 3.71 12.26
N LEU A 454 -12.25 4.74 12.94
CA LEU A 454 -13.06 5.49 13.90
C LEU A 454 -13.07 6.95 13.51
N PRO A 455 -14.22 7.67 13.63
CA PRO A 455 -14.23 9.11 13.34
C PRO A 455 -13.53 9.89 14.46
N ALA A 456 -13.02 11.09 14.16
CA ALA A 456 -12.27 11.96 15.09
C ALA A 456 -12.99 12.27 16.42
N ILE A 457 -14.34 12.20 16.45
CA ILE A 457 -15.12 12.44 17.68
C ILE A 457 -14.72 11.44 18.79
N VAL A 458 -14.21 10.25 18.40
CA VAL A 458 -13.72 9.22 19.30
C VAL A 458 -12.27 9.62 19.67
N GLY A 459 -12.16 10.59 20.57
CA GLY A 459 -10.88 11.12 21.01
C GLY A 459 -10.22 10.27 22.08
N GLN A 460 -9.33 10.89 22.84
CA GLN A 460 -8.56 10.26 23.91
C GLN A 460 -9.43 9.72 25.04
N GLY A 461 -8.93 8.67 25.69
CA GLY A 461 -9.59 8.09 26.85
C GLY A 461 -10.30 6.76 26.63
N ALA A 462 -10.41 6.02 27.72
CA ALA A 462 -11.10 4.74 27.78
C ALA A 462 -12.60 4.98 27.62
N ARG A 463 -13.27 4.06 26.97
CA ARG A 463 -14.71 4.14 26.76
C ARG A 463 -15.25 2.76 26.52
N ALA A 464 -16.56 2.63 26.67
CA ALA A 464 -17.26 1.39 26.43
C ALA A 464 -17.53 1.22 24.92
N ILE A 465 -17.50 -0.03 24.47
CA ILE A 465 -17.87 -0.44 23.12
C ILE A 465 -18.80 -1.64 23.33
N CYS A 466 -19.95 -1.64 22.65
CA CYS A 466 -20.90 -2.73 22.75
C CYS A 466 -21.09 -3.36 21.38
N LEU A 467 -21.01 -4.70 21.33
CA LEU A 467 -21.18 -5.51 20.13
C LEU A 467 -22.41 -6.41 20.27
N ARG A 468 -23.10 -6.62 19.17
CA ARG A 468 -24.31 -7.44 19.13
C ARG A 468 -24.45 -8.06 17.75
N ALA A 469 -24.69 -9.37 17.71
CA ALA A 469 -24.91 -10.08 16.45
C ALA A 469 -26.23 -9.58 15.85
N ASP A 470 -26.31 -9.52 14.52
CA ASP A 470 -27.52 -9.09 13.84
C ASP A 470 -28.77 -9.84 14.36
N SER A 471 -29.88 -9.08 14.57
CA SER A 471 -31.21 -9.57 15.03
C SER A 471 -31.33 -10.03 16.48
N MET A 472 -30.20 -10.09 17.21
CA MET A 472 -30.19 -10.46 18.63
C MET A 472 -30.79 -9.33 19.45
N ALA A 473 -31.40 -9.66 20.59
CA ALA A 473 -32.02 -8.66 21.46
C ALA A 473 -30.93 -7.93 22.26
N ASP A 474 -31.21 -6.68 22.68
CA ASP A 474 -30.29 -5.82 23.44
C ASP A 474 -29.67 -6.53 24.64
N ILE A 475 -30.40 -7.51 25.17
CA ILE A 475 -30.05 -8.37 26.30
C ILE A 475 -28.83 -9.24 25.94
N ASP A 476 -28.65 -9.58 24.66
CA ASP A 476 -27.54 -10.41 24.19
C ASP A 476 -26.30 -9.64 23.74
N LYS A 477 -26.27 -8.30 23.97
CA LYS A 477 -25.11 -7.49 23.63
C LYS A 477 -23.94 -7.77 24.60
N ILE A 478 -22.71 -7.55 24.13
CA ILE A 478 -21.51 -7.71 24.94
C ILE A 478 -20.89 -6.31 25.01
N CYS A 479 -20.64 -5.81 26.21
CA CYS A 479 -20.03 -4.49 26.43
C CYS A 479 -18.73 -4.70 27.20
N HIS A 480 -17.70 -3.90 26.89
CA HIS A 480 -16.43 -3.91 27.61
C HIS A 480 -15.90 -2.50 27.63
N VAL A 481 -15.17 -2.12 28.70
CA VAL A 481 -14.51 -0.80 28.71
C VAL A 481 -13.24 -1.07 27.89
N ILE A 482 -12.99 -0.23 26.90
CA ILE A 482 -11.87 -0.40 25.98
C ILE A 482 -10.87 0.74 26.16
N GLU A 483 -9.60 0.38 26.36
CA GLU A 483 -8.50 1.33 26.59
C GLU A 483 -8.03 2.02 25.32
N TYR A 484 -7.49 3.25 25.47
CA TYR A 484 -6.97 4.11 24.42
C TYR A 484 -5.46 4.17 24.47
N PHE A 485 -4.81 4.05 23.30
CA PHE A 485 -3.35 4.10 23.17
C PHE A 485 -3.01 4.93 21.94
N GLU A 486 -2.30 6.06 22.14
CA GLU A 486 -1.93 6.97 21.06
C GLU A 486 -0.42 7.01 20.89
N SER A 487 0.07 6.58 19.72
CA SER A 487 1.49 6.62 19.41
C SER A 487 1.79 8.01 18.90
N PRO A 488 2.88 8.66 19.34
CA PRO A 488 3.20 9.99 18.79
C PRO A 488 3.45 9.93 17.27
N LEU A 489 3.34 11.08 16.62
CA LEU A 489 3.59 11.18 15.20
C LEU A 489 5.09 11.02 14.93
N PHE A 490 5.45 9.98 14.16
CA PHE A 490 6.81 9.67 13.71
C PHE A 490 6.77 9.55 12.18
#